data_7PT5
#
_entry.id   7PT5
#
_cell.length_a   33.949
_cell.length_b   33.949
_cell.length_c   243.359
_cell.angle_alpha   90.000
_cell.angle_beta   90.000
_cell.angle_gamma   90.000
#
_symmetry.space_group_name_H-M   'P 41 21 2'
#
loop_
_entity.id
_entity.type
_entity.pdbx_description
1 polymer 'Centrosomal protein of 44 kDa'
2 water water
#
_entity_poly.entity_id   1
_entity_poly.type   'polypeptide(L)'
_entity_poly.pdbx_seq_one_letter_code
;GA(MSE)DP(MSE)ATGDLKRSLRNLEQVLRLLNYPEEVDCVGLIKGDPAASLPIISYSFTSYSPYVTELI(MSE)ESNV
ELIAKNDLRFIDAVYKLLRDQFNYKPILTKKQFIQCGFAEWKIQIVCDILNCV(MSE)KKHKELSSLQKIPSQQRKKISS
G
;
_entity_poly.pdbx_strand_id   A
#
# COMPACT_ATOMS: atom_id res chain seq x y z
N GLY A 9 17.50 2.42 -5.88
CA GLY A 9 17.13 1.13 -5.33
C GLY A 9 18.13 0.63 -4.31
N ASP A 10 17.74 0.68 -3.04
CA ASP A 10 18.54 0.15 -1.95
C ASP A 10 17.62 -0.76 -1.14
N LEU A 11 17.81 -2.08 -1.31
CA LEU A 11 16.90 -3.03 -0.69
C LEU A 11 16.86 -2.86 0.83
N LYS A 12 18.03 -2.63 1.45
CA LYS A 12 18.09 -2.53 2.89
C LYS A 12 17.34 -1.30 3.40
N ARG A 13 17.53 -0.15 2.74
CA ARG A 13 16.80 1.06 3.12
C ARG A 13 15.30 0.84 3.01
N SER A 14 14.84 0.29 1.89
CA SER A 14 13.40 0.13 1.68
C SER A 14 12.79 -0.80 2.73
N LEU A 15 13.45 -1.93 2.99
CA LEU A 15 12.95 -2.86 4.00
C LEU A 15 12.90 -2.21 5.38
N ARG A 16 13.88 -1.37 5.71
CA ARG A 16 13.84 -0.68 6.98
C ARG A 16 12.72 0.37 7.02
N ASN A 17 12.45 1.02 5.89
CA ASN A 17 11.32 1.93 5.83
C ASN A 17 10.01 1.17 6.02
N LEU A 18 9.92 -0.04 5.48
CA LEU A 18 8.68 -0.81 5.60
C LEU A 18 8.47 -1.29 7.02
N GLU A 19 9.55 -1.76 7.67
CA GLU A 19 9.46 -2.17 9.08
C GLU A 19 8.98 -1.01 9.95
N GLN A 20 9.53 0.18 9.75
CA GLN A 20 9.09 1.33 10.53
C GLN A 20 7.62 1.66 10.25
N VAL A 21 7.22 1.58 8.98
CA VAL A 21 5.86 1.94 8.60
C VAL A 21 4.88 0.87 9.08
N LEU A 22 5.22 -0.41 8.91
CA LEU A 22 4.38 -1.46 9.46
C LEU A 22 4.26 -1.35 10.97
N ARG A 23 5.30 -0.86 11.63
CA ARG A 23 5.21 -0.68 13.08
C ARG A 23 4.22 0.42 13.42
N LEU A 24 4.30 1.56 12.74
CA LEU A 24 3.38 2.66 13.01
C LEU A 24 1.95 2.29 12.69
N LEU A 25 1.73 1.47 11.65
CA LEU A 25 0.39 1.02 11.28
C LEU A 25 -0.14 -0.09 12.18
N ASN A 26 0.71 -0.69 13.00
CA ASN A 26 0.35 -1.85 13.81
C ASN A 26 -0.18 -2.99 12.93
N TYR A 27 0.53 -3.25 11.84
CA TYR A 27 0.17 -4.36 10.96
C TYR A 27 0.30 -5.68 11.71
N PRO A 28 -0.78 -6.44 11.88
CA PRO A 28 -0.76 -7.62 12.76
C PRO A 28 -0.44 -8.95 12.07
N GLU A 29 -0.23 -8.96 10.77
CA GLU A 29 0.01 -10.20 10.04
C GLU A 29 1.50 -10.42 9.78
N GLU A 30 1.84 -11.66 9.43
CA GLU A 30 3.20 -11.97 9.05
C GLU A 30 3.45 -11.55 7.61
N VAL A 31 4.67 -11.07 7.35
CA VAL A 31 5.04 -10.46 6.08
C VAL A 31 5.84 -11.46 5.27
N ASP A 32 5.48 -11.59 3.99
CA ASP A 32 6.19 -12.48 3.08
C ASP A 32 7.53 -11.86 2.68
N CYS A 33 8.57 -12.06 3.51
CA CYS A 33 9.84 -11.39 3.27
C CYS A 33 10.44 -11.82 1.94
N VAL A 34 10.34 -13.11 1.60
CA VAL A 34 10.95 -13.59 0.37
C VAL A 34 10.26 -12.98 -0.85
N GLY A 35 8.93 -12.85 -0.79
CA GLY A 35 8.20 -12.27 -1.91
C GLY A 35 8.52 -10.81 -2.15
N LEU A 36 8.65 -10.04 -1.06
CA LEU A 36 8.99 -8.62 -1.20
C LEU A 36 10.36 -8.44 -1.84
N ILE A 37 11.34 -9.24 -1.41
CA ILE A 37 12.68 -9.11 -1.97
C ILE A 37 12.67 -9.44 -3.46
N LYS A 38 11.85 -10.42 -3.85
CA LYS A 38 11.78 -10.77 -5.27
C LYS A 38 10.83 -9.89 -6.05
N GLY A 39 10.31 -8.83 -5.44
CA GLY A 39 9.39 -7.95 -6.12
C GLY A 39 8.07 -8.59 -6.49
N ASP A 40 7.67 -9.64 -5.77
CA ASP A 40 6.43 -10.32 -6.06
C ASP A 40 5.26 -9.46 -5.60
N PRO A 41 4.33 -9.10 -6.51
CA PRO A 41 3.17 -8.31 -6.06
C PRO A 41 2.38 -9.00 -4.96
N ALA A 42 2.32 -10.34 -4.98
CA ALA A 42 1.54 -11.08 -4.00
C ALA A 42 1.98 -10.82 -2.57
N ALA A 43 3.20 -10.30 -2.37
CA ALA A 43 3.66 -9.96 -1.04
C ALA A 43 3.27 -8.55 -0.62
N SER A 44 2.95 -7.68 -1.58
CA SER A 44 2.56 -6.30 -1.31
C SER A 44 1.05 -6.15 -1.18
N LEU A 45 0.28 -6.88 -1.98
CA LEU A 45 -1.16 -6.68 -1.98
C LEU A 45 -1.83 -6.90 -0.62
N PRO A 46 -1.52 -7.96 0.15
CA PRO A 46 -2.17 -8.09 1.46
C PRO A 46 -1.89 -6.93 2.41
N ILE A 47 -0.71 -6.32 2.32
CA ILE A 47 -0.38 -5.19 3.19
C ILE A 47 -1.20 -3.96 2.78
N ILE A 48 -1.20 -3.63 1.49
CA ILE A 48 -2.04 -2.53 1.01
C ILE A 48 -3.49 -2.80 1.35
N SER A 49 -3.95 -4.03 1.09
CA SER A 49 -5.35 -4.37 1.36
C SER A 49 -5.70 -4.16 2.82
N TYR A 50 -4.82 -4.58 3.73
CA TYR A 50 -5.09 -4.39 5.15
C TYR A 50 -5.25 -2.91 5.49
N SER A 51 -4.38 -2.05 4.92
CA SER A 51 -4.43 -0.63 5.24
C SER A 51 -5.70 0.01 4.71
N PHE A 52 -6.31 -0.56 3.67
CA PHE A 52 -7.56 -0.01 3.13
C PHE A 52 -8.78 -0.50 3.88
N THR A 53 -8.77 -1.74 4.37
CA THR A 53 -9.95 -2.39 4.93
C THR A 53 -9.99 -2.40 6.45
N SER A 54 -8.84 -2.40 7.12
CA SER A 54 -8.81 -2.72 8.54
C SER A 54 -8.08 -1.71 9.41
N TYR A 55 -7.37 -0.73 8.84
CA TYR A 55 -6.61 0.19 9.66
C TYR A 55 -7.50 1.24 10.31
N SER A 56 -8.16 2.07 9.49
CA SER A 56 -8.96 3.14 10.06
C SER A 56 -10.42 2.99 9.65
N PRO A 57 -11.37 3.29 10.52
CA PRO A 57 -12.77 3.31 10.09
C PRO A 57 -13.10 4.47 9.17
N TYR A 58 -12.33 5.56 9.26
CA TYR A 58 -12.59 6.72 8.41
C TYR A 58 -12.05 6.51 7.01
N VAL A 59 -10.82 6.02 6.91
CA VAL A 59 -10.25 5.73 5.60
C VAL A 59 -11.07 4.64 4.90
N THR A 60 -11.46 3.60 5.64
CA THR A 60 -12.17 2.48 5.05
C THR A 60 -13.58 2.88 4.61
N GLU A 61 -14.23 3.79 5.34
CA GLU A 61 -15.55 4.25 4.92
C GLU A 61 -15.47 5.03 3.61
N LEU A 62 -14.45 5.87 3.47
CA LEU A 62 -14.25 6.60 2.22
C LEU A 62 -14.00 5.66 1.06
N ILE A 63 -13.19 4.62 1.26
CA ILE A 63 -12.82 3.73 0.17
C ILE A 63 -14.00 2.87 -0.26
N GLU A 65 -16.99 3.43 -0.20
CA GLU A 65 -18.09 4.20 -0.75
C GLU A 65 -18.02 4.35 -2.26
N SER A 66 -16.87 4.06 -2.87
CA SER A 66 -16.68 4.31 -4.31
C SER A 66 -16.53 3.01 -5.09
N ASN A 67 -15.46 2.24 -4.86
CA ASN A 67 -15.12 1.11 -5.70
C ASN A 67 -15.13 -0.19 -4.91
N VAL A 68 -15.43 -1.28 -5.60
CA VAL A 68 -15.44 -2.62 -5.02
C VAL A 68 -14.45 -3.49 -5.79
N GLU A 69 -13.73 -4.36 -5.08
CA GLU A 69 -12.71 -5.23 -5.65
C GLU A 69 -13.14 -5.92 -6.94
N ASN A 74 -8.43 -13.11 -7.00
CA ASN A 74 -8.09 -12.49 -8.28
C ASN A 74 -7.92 -10.99 -8.11
N ASP A 75 -6.71 -10.51 -8.36
CA ASP A 75 -6.32 -9.14 -8.03
C ASP A 75 -5.85 -8.32 -9.22
N LEU A 76 -6.18 -8.73 -10.45
CA LEU A 76 -5.87 -7.89 -11.60
C LEU A 76 -6.67 -6.59 -11.56
N ARG A 77 -7.93 -6.66 -11.11
CA ARG A 77 -8.71 -5.45 -10.88
C ARG A 77 -8.27 -4.74 -9.62
N PHE A 78 -7.74 -5.49 -8.65
CA PHE A 78 -7.29 -4.90 -7.39
C PHE A 78 -6.23 -3.83 -7.62
N ILE A 79 -5.26 -4.12 -8.50
CA ILE A 79 -4.20 -3.15 -8.76
C ILE A 79 -4.78 -1.91 -9.43
N ASP A 80 -5.69 -2.10 -10.38
CA ASP A 80 -6.32 -0.96 -11.05
C ASP A 80 -7.11 -0.12 -10.06
N ALA A 81 -7.83 -0.77 -9.14
CA ALA A 81 -8.64 -0.04 -8.18
C ALA A 81 -7.78 0.74 -7.19
N VAL A 82 -6.68 0.13 -6.74
CA VAL A 82 -5.76 0.81 -5.84
C VAL A 82 -5.17 2.06 -6.49
N TYR A 83 -4.78 1.94 -7.77
CA TYR A 83 -4.22 3.09 -8.46
C TYR A 83 -5.22 4.23 -8.57
N LYS A 84 -6.46 3.90 -8.96
CA LYS A 84 -7.51 4.91 -9.03
C LYS A 84 -7.79 5.52 -7.66
N LEU A 85 -7.80 4.70 -6.60
CA LEU A 85 -8.02 5.23 -5.26
C LEU A 85 -6.94 6.22 -4.87
N LEU A 86 -5.67 5.85 -5.08
CA LEU A 86 -4.56 6.71 -4.69
C LEU A 86 -4.56 8.02 -5.46
N ARG A 87 -5.04 8.02 -6.69
CA ARG A 87 -5.06 9.25 -7.47
C ARG A 87 -6.20 10.16 -7.03
N ASP A 88 -7.37 9.59 -6.77
CA ASP A 88 -8.55 10.39 -6.45
C ASP A 88 -8.54 10.82 -4.99
N GLN A 89 -8.44 9.86 -4.07
CA GLN A 89 -8.65 10.12 -2.65
C GLN A 89 -7.39 10.57 -1.93
N PHE A 90 -6.22 10.09 -2.34
CA PHE A 90 -4.97 10.39 -1.65
C PHE A 90 -4.00 11.25 -2.46
N ASN A 91 -4.35 11.59 -3.70
CA ASN A 91 -3.49 12.43 -4.55
C ASN A 91 -2.07 11.86 -4.66
N TYR A 92 -1.97 10.54 -4.76
CA TYR A 92 -0.70 9.86 -4.87
C TYR A 92 -0.60 9.12 -6.20
N LYS A 93 0.46 9.41 -6.95
CA LYS A 93 0.77 8.69 -8.17
C LYS A 93 1.97 7.78 -7.92
N PRO A 94 1.80 6.46 -7.96
CA PRO A 94 2.94 5.56 -7.70
C PRO A 94 4.04 5.73 -8.74
N ILE A 95 5.25 5.38 -8.32
CA ILE A 95 6.42 5.53 -9.20
C ILE A 95 6.37 4.52 -10.34
N LEU A 96 5.98 3.29 -10.04
CA LEU A 96 5.78 2.28 -11.07
C LEU A 96 4.40 2.43 -11.70
N THR A 97 4.30 2.03 -12.97
CA THR A 97 3.01 1.94 -13.62
C THR A 97 2.27 0.70 -13.12
N LYS A 98 1.00 0.57 -13.52
CA LYS A 98 0.21 -0.58 -13.13
C LYS A 98 0.85 -1.89 -13.59
N LYS A 99 1.42 -1.90 -14.80
CA LYS A 99 2.02 -3.12 -15.30
C LYS A 99 3.42 -3.35 -14.72
N GLN A 100 4.17 -2.27 -14.42
CA GLN A 100 5.42 -2.45 -13.69
C GLN A 100 5.17 -2.99 -12.29
N PHE A 101 3.99 -2.74 -11.74
CA PHE A 101 3.70 -3.28 -10.43
C PHE A 101 3.28 -4.74 -10.51
N ILE A 102 2.52 -5.12 -11.53
CA ILE A 102 2.05 -6.50 -11.61
C ILE A 102 3.18 -7.44 -12.03
N GLN A 103 4.14 -6.95 -12.82
CA GLN A 103 5.25 -7.79 -13.24
C GLN A 103 6.34 -7.81 -12.18
N CYS A 104 7.07 -8.91 -12.12
CA CYS A 104 8.13 -9.05 -11.13
C CYS A 104 9.33 -8.19 -11.49
N GLY A 105 10.03 -7.73 -10.47
CA GLY A 105 11.12 -6.79 -10.62
C GLY A 105 10.84 -5.50 -9.89
N PHE A 106 11.85 -4.61 -9.93
CA PHE A 106 11.78 -3.31 -9.25
C PHE A 106 11.33 -3.49 -7.80
N ALA A 107 11.94 -4.47 -7.12
CA ALA A 107 11.50 -4.86 -5.79
C ALA A 107 11.59 -3.72 -4.80
N GLU A 108 12.74 -3.02 -4.79
CA GLU A 108 12.90 -1.90 -3.87
C GLU A 108 11.82 -0.84 -4.08
N TRP A 109 11.42 -0.61 -5.33
CA TRP A 109 10.42 0.41 -5.63
C TRP A 109 9.01 -0.02 -5.22
N LYS A 110 8.68 -1.31 -5.38
CA LYS A 110 7.40 -1.81 -4.88
C LYS A 110 7.32 -1.70 -3.37
N ILE A 111 8.42 -2.01 -2.68
CA ILE A 111 8.45 -1.90 -1.22
C ILE A 111 8.20 -0.46 -0.80
N GLN A 112 8.85 0.50 -1.46
CA GLN A 112 8.66 1.89 -1.08
C GLN A 112 7.24 2.38 -1.39
N ILE A 113 6.63 1.84 -2.45
CA ILE A 113 5.25 2.20 -2.77
C ILE A 113 4.31 1.70 -1.67
N VAL A 114 4.56 0.50 -1.14
CA VAL A 114 3.79 0.06 0.01
C VAL A 114 3.92 1.05 1.15
N CYS A 115 5.17 1.47 1.46
CA CYS A 115 5.40 2.48 2.49
C CYS A 115 4.63 3.76 2.19
N ASP A 116 4.61 4.18 0.92
CA ASP A 116 3.93 5.43 0.56
C ASP A 116 2.43 5.30 0.74
N ILE A 117 1.84 4.22 0.23
CA ILE A 117 0.42 3.97 0.40
C ILE A 117 0.06 3.99 1.88
N LEU A 118 0.83 3.27 2.70
CA LEU A 118 0.52 3.20 4.12
C LEU A 118 0.68 4.56 4.80
N ASN A 119 1.62 5.39 4.32
CA ASN A 119 1.73 6.74 4.87
C ASN A 119 0.55 7.60 4.44
N CYS A 120 0.05 7.39 3.23
CA CYS A 120 -1.14 8.12 2.79
C CYS A 120 -2.35 7.74 3.64
N VAL A 121 -2.50 6.44 3.92
CA VAL A 121 -3.64 5.98 4.73
C VAL A 121 -3.59 6.61 6.12
N LYS A 123 -1.92 9.41 7.14
CA LYS A 123 -2.12 10.85 7.10
C LYS A 123 -3.58 11.19 6.76
N LYS A 124 -4.23 10.34 5.96
CA LYS A 124 -5.65 10.56 5.66
C LYS A 124 -6.51 10.33 6.90
N HIS A 125 -6.17 9.33 7.71
CA HIS A 125 -6.93 9.08 8.93
C HIS A 125 -6.77 10.22 9.91
N LYS A 126 -5.54 10.71 10.10
CA LYS A 126 -5.33 11.83 11.01
C LYS A 126 -6.11 13.07 10.56
N GLU A 127 -6.21 13.27 9.25
CA GLU A 127 -6.91 14.44 8.73
C GLU A 127 -8.42 14.29 8.87
N LEU A 128 -8.94 13.09 8.61
CA LEU A 128 -10.38 12.88 8.70
C LEU A 128 -10.85 12.87 10.16
N SER A 129 -10.11 12.19 11.04
CA SER A 129 -10.49 12.17 12.45
C SER A 129 -10.43 13.56 13.07
N SER A 130 -9.68 14.48 12.47
CA SER A 130 -9.59 15.82 13.03
C SER A 130 -10.90 16.59 12.87
N LEU A 131 -11.44 16.62 11.65
CA LEU A 131 -12.59 17.46 11.36
C LEU A 131 -13.91 16.91 11.89
N GLN A 132 -13.89 15.77 12.57
CA GLN A 132 -15.11 15.20 13.12
C GLN A 132 -15.47 15.84 14.46
#